data_5SBU
#
_entry.id   5SBU
#
_cell.length_a   30.860
_cell.length_b   81.537
_cell.length_c   32.053
_cell.angle_alpha   90.000
_cell.angle_beta   117.680
_cell.angle_gamma   90.000
#
_symmetry.space_group_name_H-M   'P 1 21 1'
#
loop_
_entity.id
_entity.type
_entity.pdbx_description
1 polymer 'CD44 antigen'
2 non-polymer N-[(3,5-dimethyl-1H-pyrazol-4-yl)methyl]cyclohexanamine
3 non-polymer 'TRIETHYLENE GLYCOL'
4 non-polymer 'DIMETHYL SULFOXIDE'
5 water water
#
_entity_poly.entity_id   1
_entity_poly.type   'polypeptide(L)'
_entity_poly.pdbx_seq_one_letter_code
;MNQIDLNVTCRYAGVFHVEKNGRYSISRTEAADLCQAFNSTLPTMDQMKLALSKGFETCRYGFIEGNVVIPRIHPNAICA
ANHTGVYILVTSNTSHYDTYCFNASAPPEEDCTSVTDLPNSFDGPVTITIVNRDGTRYSKKGEYRTHQEDID
;
_entity_poly.pdbx_strand_id   A
#
# COMPACT_ATOMS: atom_id res chain seq x y z
N ASN A 2 2.01 19.73 -9.16
CA ASN A 2 1.02 18.65 -9.22
C ASN A 2 1.75 17.33 -9.12
N GLN A 3 2.04 16.92 -7.88
CA GLN A 3 2.88 15.78 -7.60
C GLN A 3 2.34 14.91 -6.47
N ILE A 4 2.52 13.60 -6.63
CA ILE A 4 2.14 12.63 -5.60
C ILE A 4 3.32 11.71 -5.39
N ASP A 5 3.72 11.51 -4.13
N ASP A 5 3.69 11.48 -4.13
CA ASP A 5 4.77 10.57 -3.76
CA ASP A 5 4.77 10.56 -3.80
C ASP A 5 4.05 9.34 -3.22
C ASP A 5 4.20 9.35 -3.11
N LEU A 6 4.52 8.18 -3.64
CA LEU A 6 3.98 6.90 -3.16
C LEU A 6 5.15 6.09 -2.63
N ASN A 7 5.27 6.00 -1.31
CA ASN A 7 6.32 5.20 -0.67
C ASN A 7 5.85 3.76 -0.59
N VAL A 8 6.63 2.82 -1.13
CA VAL A 8 6.24 1.41 -1.19
C VAL A 8 7.27 0.56 -0.47
N THR A 9 6.86 -0.68 -0.12
CA THR A 9 7.71 -1.60 0.59
C THR A 9 8.07 -2.80 -0.28
N CYS A 10 8.88 -3.71 0.30
CA CYS A 10 9.03 -5.10 -0.10
C CYS A 10 7.61 -5.70 -0.27
N ARG A 11 7.53 -6.71 -1.12
CA ARG A 11 6.32 -7.52 -1.23
C ARG A 11 6.56 -8.84 -0.48
N TYR A 12 5.55 -9.29 0.23
CA TYR A 12 5.57 -10.57 0.94
C TYR A 12 4.38 -11.37 0.49
N ALA A 13 4.61 -12.47 -0.25
CA ALA A 13 3.49 -13.22 -0.83
C ALA A 13 2.56 -12.28 -1.63
N GLY A 14 3.17 -11.30 -2.32
CA GLY A 14 2.46 -10.35 -3.16
C GLY A 14 1.90 -9.14 -2.46
N VAL A 15 1.91 -9.12 -1.13
CA VAL A 15 1.34 -7.98 -0.40
C VAL A 15 2.41 -6.94 -0.11
N PHE A 16 2.02 -5.67 -0.26
CA PHE A 16 2.92 -4.57 0.03
C PHE A 16 2.12 -3.40 0.60
N HIS A 17 2.87 -2.46 1.19
CA HIS A 17 2.31 -1.24 1.82
C HIS A 17 2.62 -0.01 0.94
N VAL A 18 1.63 0.91 0.85
CA VAL A 18 1.78 2.13 0.10
C VAL A 18 1.32 3.28 0.99
N GLU A 19 2.21 4.27 1.18
CA GLU A 19 1.91 5.49 1.92
C GLU A 19 1.98 6.64 0.94
N LYS A 20 0.95 7.49 0.93
CA LYS A 20 0.88 8.62 0.01
CA LYS A 20 0.91 8.61 0.01
C LYS A 20 1.29 9.90 0.70
N ASN A 21 2.26 10.61 0.10
CA ASN A 21 2.69 11.94 0.57
C ASN A 21 3.08 12.01 2.01
N GLY A 22 3.66 10.95 2.50
CA GLY A 22 4.20 10.86 3.84
C GLY A 22 3.22 11.10 4.96
N ARG A 23 1.91 10.89 4.72
CA ARG A 23 0.89 11.09 5.75
C ARG A 23 -0.24 10.12 5.50
N TYR A 24 -1.09 9.86 6.52
CA TYR A 24 -2.32 9.10 6.32
C TYR A 24 -3.23 9.95 5.45
N SER A 25 -3.46 9.57 4.21
CA SER A 25 -4.15 10.48 3.27
C SER A 25 -4.95 9.82 2.21
N ILE A 26 -5.20 8.49 2.34
CA ILE A 26 -5.92 7.73 1.30
C ILE A 26 -7.31 7.31 1.80
N SER A 27 -8.33 7.60 1.01
CA SER A 27 -9.68 7.09 1.31
C SER A 27 -9.81 5.66 0.84
N ARG A 28 -10.89 4.95 1.24
CA ARG A 28 -11.05 3.57 0.76
C ARG A 28 -11.21 3.53 -0.77
N THR A 29 -11.94 4.49 -1.37
CA THR A 29 -12.09 4.50 -2.83
C THR A 29 -10.77 4.77 -3.50
N GLU A 30 -9.97 5.71 -2.97
CA GLU A 30 -8.68 6.00 -3.59
CA GLU A 30 -8.68 6.00 -3.58
C GLU A 30 -7.77 4.79 -3.47
N ALA A 31 -7.85 4.07 -2.35
CA ALA A 31 -7.00 2.91 -2.13
C ALA A 31 -7.21 1.84 -3.18
N ALA A 32 -8.47 1.54 -3.52
CA ALA A 32 -8.74 0.53 -4.53
C ALA A 32 -8.19 0.99 -5.90
N ASP A 33 -8.36 2.27 -6.20
CA ASP A 33 -7.85 2.81 -7.47
C ASP A 33 -6.32 2.79 -7.53
N LEU A 34 -5.69 3.09 -6.39
CA LEU A 34 -4.24 3.10 -6.29
CA LEU A 34 -4.23 3.12 -6.27
C LEU A 34 -3.71 1.70 -6.51
N CYS A 35 -4.31 0.68 -5.83
CA CYS A 35 -3.83 -0.68 -6.06
C CYS A 35 -4.01 -1.09 -7.53
N GLN A 36 -5.12 -0.65 -8.16
CA GLN A 36 -5.36 -1.00 -9.57
C GLN A 36 -4.23 -0.44 -10.44
N ALA A 37 -3.65 0.72 -10.09
CA ALA A 37 -2.54 1.29 -10.90
C ALA A 37 -1.28 0.43 -10.82
N PHE A 38 -1.15 -0.35 -9.73
CA PHE A 38 -0.06 -1.30 -9.56
C PHE A 38 -0.47 -2.70 -10.09
N ASN A 39 -1.56 -2.80 -10.90
CA ASN A 39 -2.09 -4.12 -11.34
C ASN A 39 -2.35 -5.04 -10.13
N SER A 40 -2.88 -4.44 -9.06
CA SER A 40 -3.05 -5.09 -7.78
C SER A 40 -4.45 -4.81 -7.25
N THR A 41 -4.79 -5.48 -6.14
CA THR A 41 -6.08 -5.33 -5.50
C THR A 41 -5.87 -5.11 -4.02
N LEU A 42 -6.89 -4.69 -3.30
CA LEU A 42 -6.78 -4.67 -1.84
CA LEU A 42 -6.83 -4.65 -1.83
C LEU A 42 -6.68 -6.11 -1.35
N PRO A 43 -5.72 -6.44 -0.48
CA PRO A 43 -5.58 -7.84 -0.03
C PRO A 43 -6.80 -8.29 0.73
N THR A 44 -7.10 -9.58 0.62
CA THR A 44 -8.04 -10.22 1.54
C THR A 44 -7.32 -10.44 2.87
N MET A 45 -8.11 -10.65 3.94
CA MET A 45 -7.53 -10.97 5.22
C MET A 45 -6.64 -12.26 5.11
N ASP A 46 -7.08 -13.29 4.36
CA ASP A 46 -6.24 -14.49 4.22
C ASP A 46 -4.92 -14.15 3.51
N GLN A 47 -5.00 -13.32 2.46
CA GLN A 47 -3.75 -12.96 1.77
C GLN A 47 -2.80 -12.20 2.73
N MET A 48 -3.35 -11.30 3.54
CA MET A 48 -2.53 -10.56 4.50
C MET A 48 -1.94 -11.45 5.55
N LYS A 49 -2.75 -12.45 6.05
CA LYS A 49 -2.22 -13.34 7.06
C LYS A 49 -1.04 -14.17 6.47
N LEU A 50 -1.14 -14.60 5.20
CA LEU A 50 -0.03 -15.36 4.62
C LEU A 50 1.20 -14.45 4.50
N ALA A 51 1.01 -13.18 4.06
CA ALA A 51 2.14 -12.24 3.95
C ALA A 51 2.82 -12.07 5.32
N LEU A 52 2.04 -11.88 6.38
CA LEU A 52 2.56 -11.78 7.75
CA LEU A 52 2.60 -11.76 7.73
C LEU A 52 3.46 -12.99 8.06
N SER A 53 2.96 -14.19 7.70
CA SER A 53 3.71 -15.42 7.99
C SER A 53 5.05 -15.51 7.28
N LYS A 54 5.18 -14.80 6.14
CA LYS A 54 6.42 -14.77 5.37
C LYS A 54 7.39 -13.66 5.82
N GLY A 55 6.99 -12.81 6.79
CA GLY A 55 7.89 -11.78 7.31
C GLY A 55 7.40 -10.36 7.21
N PHE A 56 6.16 -10.14 6.77
CA PHE A 56 5.64 -8.79 6.61
C PHE A 56 5.17 -8.16 7.89
N GLU A 57 5.71 -6.99 8.21
CA GLU A 57 5.17 -6.15 9.27
C GLU A 57 5.38 -4.69 8.93
N THR A 58 4.46 -3.84 9.40
CA THR A 58 4.59 -2.38 9.29
C THR A 58 4.22 -1.77 10.65
N CYS A 59 4.35 -0.45 10.76
CA CYS A 59 3.86 0.29 11.91
C CYS A 59 2.83 1.33 11.47
N ARG A 60 2.04 1.03 10.43
CA ARG A 60 1.08 1.98 9.87
C ARG A 60 -0.24 1.30 9.54
N TYR A 61 -1.33 2.00 9.87
CA TYR A 61 -2.67 1.55 9.49
C TYR A 61 -2.85 1.64 7.99
N GLY A 62 -3.44 0.58 7.42
CA GLY A 62 -3.75 0.65 6.00
C GLY A 62 -4.92 -0.27 5.64
N PHE A 63 -5.60 0.13 4.55
CA PHE A 63 -6.76 -0.68 4.10
C PHE A 63 -6.33 -2.06 3.60
N ILE A 64 -7.18 -3.04 3.95
CA ILE A 64 -7.27 -4.28 3.20
C ILE A 64 -8.76 -4.36 2.79
N GLU A 65 -9.19 -5.46 2.14
CA GLU A 65 -10.60 -5.65 1.84
CA GLU A 65 -10.59 -5.62 1.86
C GLU A 65 -11.35 -5.80 3.18
N GLY A 66 -12.26 -4.90 3.46
CA GLY A 66 -13.11 -4.98 4.62
C GLY A 66 -12.65 -4.40 5.93
N ASN A 67 -11.33 -4.16 6.09
CA ASN A 67 -10.86 -3.63 7.37
C ASN A 67 -9.65 -2.73 7.15
N VAL A 68 -9.24 -2.06 8.23
CA VAL A 68 -8.00 -1.28 8.33
C VAL A 68 -7.13 -2.00 9.34
N VAL A 69 -5.87 -2.33 8.94
CA VAL A 69 -5.07 -3.19 9.78
C VAL A 69 -3.59 -2.74 9.86
N ILE A 70 -2.87 -3.38 10.77
CA ILE A 70 -1.43 -3.29 10.90
C ILE A 70 -0.91 -4.73 11.05
N PRO A 71 -0.13 -5.29 10.11
CA PRO A 71 0.50 -6.59 10.37
C PRO A 71 1.70 -6.41 11.30
N ARG A 72 1.76 -7.19 12.38
CA ARG A 72 2.82 -7.14 13.39
C ARG A 72 3.45 -8.48 13.67
N ILE A 73 4.77 -8.52 13.64
CA ILE A 73 5.50 -9.71 14.01
C ILE A 73 6.10 -9.53 15.40
N HIS A 74 6.81 -8.42 15.62
CA HIS A 74 7.52 -8.19 16.88
C HIS A 74 6.73 -7.19 17.72
N PRO A 75 6.42 -7.53 18.98
CA PRO A 75 5.70 -6.56 19.82
C PRO A 75 6.45 -5.24 19.96
N ASN A 76 5.76 -4.14 19.74
CA ASN A 76 6.34 -2.80 19.92
C ASN A 76 5.23 -1.96 20.51
N ALA A 77 5.49 -1.32 21.66
CA ALA A 77 4.48 -0.53 22.35
C ALA A 77 3.83 0.58 21.53
N ILE A 78 4.54 1.16 20.56
CA ILE A 78 3.97 2.25 19.75
C ILE A 78 3.47 1.77 18.37
N CYS A 79 3.39 0.44 18.15
CA CYS A 79 2.84 -0.11 16.90
C CYS A 79 1.74 -1.07 17.25
N ALA A 80 0.48 -0.70 17.02
CA ALA A 80 -0.68 -1.55 17.29
C ALA A 80 -0.73 -1.99 18.75
N ALA A 81 -0.42 -1.07 19.67
CA ALA A 81 -0.50 -1.34 21.11
C ALA A 81 0.16 -2.66 21.57
N ASN A 82 1.37 -2.94 21.06
CA ASN A 82 2.17 -4.10 21.43
C ASN A 82 1.60 -5.46 20.97
N HIS A 83 0.58 -5.44 20.10
CA HIS A 83 -0.01 -6.68 19.61
C HIS A 83 0.84 -7.31 18.52
N THR A 84 0.61 -8.62 18.32
CA THR A 84 1.20 -9.33 17.19
C THR A 84 0.04 -9.90 16.36
N GLY A 85 0.35 -10.32 15.15
CA GLY A 85 -0.66 -10.81 14.23
C GLY A 85 -1.18 -9.68 13.36
N VAL A 86 -2.25 -9.93 12.60
CA VAL A 86 -2.88 -8.88 11.81
C VAL A 86 -3.79 -8.11 12.77
N TYR A 87 -3.32 -6.96 13.26
CA TYR A 87 -4.08 -6.15 14.20
C TYR A 87 -5.13 -5.38 13.43
N ILE A 88 -6.37 -5.49 13.90
CA ILE A 88 -7.49 -4.83 13.26
C ILE A 88 -7.89 -3.58 14.01
N LEU A 89 -7.95 -2.46 13.29
CA LEU A 89 -8.46 -1.22 13.88
C LEU A 89 -9.93 -1.37 14.16
N VAL A 90 -10.34 -1.11 15.40
CA VAL A 90 -11.75 -1.24 15.78
C VAL A 90 -12.46 0.11 15.84
N THR A 91 -11.87 1.10 16.57
CA THR A 91 -12.54 2.37 16.82
C THR A 91 -11.71 3.54 16.35
N SER A 92 -12.27 4.30 15.40
CA SER A 92 -11.60 5.52 14.91
C SER A 92 -12.64 6.49 14.44
N ASN A 93 -12.38 7.79 14.66
CA ASN A 93 -13.30 8.80 14.12
C ASN A 93 -13.20 8.98 12.64
N THR A 94 -11.99 8.70 12.08
CA THR A 94 -11.52 9.22 10.80
C THR A 94 -11.39 8.18 9.71
N SER A 95 -11.30 8.65 8.45
CA SER A 95 -11.49 7.77 7.30
C SER A 95 -10.30 7.56 6.41
N HIS A 96 -9.17 8.29 6.64
CA HIS A 96 -8.02 8.24 5.73
C HIS A 96 -6.82 7.56 6.34
N TYR A 97 -6.28 6.60 5.59
CA TYR A 97 -5.20 5.76 6.09
C TYR A 97 -4.14 5.61 4.98
N ASP A 98 -3.20 4.69 5.16
CA ASP A 98 -2.37 4.21 4.06
C ASP A 98 -3.17 3.05 3.37
N THR A 99 -2.56 2.34 2.41
CA THR A 99 -3.20 1.14 1.89
C THR A 99 -2.21 0.01 1.80
N TYR A 100 -2.77 -1.20 1.84
CA TYR A 100 -2.03 -2.38 1.39
C TYR A 100 -2.56 -2.71 -0.02
N CYS A 101 -1.73 -3.41 -0.78
CA CYS A 101 -2.05 -3.87 -2.13
C CYS A 101 -1.50 -5.27 -2.28
N PHE A 102 -2.14 -6.06 -3.17
CA PHE A 102 -1.76 -7.45 -3.44
C PHE A 102 -1.60 -7.65 -4.95
N ASN A 103 -0.40 -8.08 -5.35
CA ASN A 103 -0.02 -8.36 -6.73
CA ASN A 103 -0.12 -8.40 -6.74
C ASN A 103 0.13 -9.88 -6.86
N ALA A 104 -0.80 -10.55 -7.53
CA ALA A 104 -0.72 -12.00 -7.66
C ALA A 104 0.47 -12.50 -8.41
N SER A 105 1.09 -11.66 -9.26
CA SER A 105 2.25 -12.05 -10.07
CA SER A 105 2.24 -12.15 -10.02
C SER A 105 3.61 -11.92 -9.34
N ALA A 106 3.60 -11.43 -8.13
CA ALA A 106 4.82 -11.25 -7.37
C ALA A 106 5.36 -12.62 -6.91
N PRO A 107 6.60 -12.68 -6.40
CA PRO A 107 7.14 -13.95 -5.89
C PRO A 107 6.35 -14.44 -4.67
N PRO A 108 6.48 -15.74 -4.35
CA PRO A 108 5.63 -16.30 -3.26
C PRO A 108 6.02 -15.91 -1.85
N GLU A 109 7.29 -15.53 -1.62
CA GLU A 109 7.72 -15.28 -0.28
C GLU A 109 8.22 -13.81 -0.19
N GLU A 110 9.39 -13.56 0.40
CA GLU A 110 9.89 -12.19 0.55
C GLU A 110 10.52 -11.71 -0.73
N ASP A 111 10.01 -10.60 -1.26
CA ASP A 111 10.57 -9.94 -2.41
C ASP A 111 10.94 -8.52 -2.02
N CYS A 112 12.21 -8.32 -1.64
CA CYS A 112 12.70 -7.01 -1.23
C CYS A 112 13.48 -6.32 -2.35
N THR A 113 13.14 -6.62 -3.60
CA THR A 113 13.63 -5.81 -4.73
C THR A 113 12.76 -4.55 -4.77
N SER A 114 13.27 -3.54 -5.48
CA SER A 114 12.54 -2.31 -5.61
C SER A 114 11.42 -2.37 -6.66
N VAL A 115 10.46 -1.47 -6.53
CA VAL A 115 9.38 -1.27 -7.48
C VAL A 115 9.84 -0.20 -8.48
N THR A 116 9.86 -0.54 -9.77
CA THR A 116 10.43 0.29 -10.84
C THR A 116 9.43 0.63 -11.94
N ASP A 117 8.14 0.52 -11.64
CA ASP A 117 7.10 0.84 -12.61
C ASP A 117 5.76 1.02 -11.91
N LEU A 118 4.84 1.76 -12.55
CA LEU A 118 3.45 1.93 -12.07
C LEU A 118 2.74 1.54 -13.35
N PRO A 119 2.56 0.22 -13.57
CA PRO A 119 2.21 -0.26 -14.91
C PRO A 119 0.84 0.02 -15.44
N ASN A 120 -0.09 0.29 -14.55
CA ASN A 120 -1.46 0.50 -14.96
C ASN A 120 -2.02 1.85 -14.60
N SER A 121 -1.15 2.87 -14.46
CA SER A 121 -1.66 4.23 -14.31
C SER A 121 -2.27 4.66 -15.65
N PHE A 122 -3.18 5.62 -15.58
CA PHE A 122 -3.80 6.09 -16.80
CA PHE A 122 -3.89 6.16 -16.72
C PHE A 122 -3.24 7.46 -17.18
N ASP A 123 -3.63 7.94 -18.36
CA ASP A 123 -3.16 9.25 -18.82
C ASP A 123 -3.63 10.32 -17.83
N GLY A 124 -2.80 11.30 -17.56
CA GLY A 124 -3.18 12.38 -16.66
C GLY A 124 -2.07 13.38 -16.43
N PRO A 125 -2.35 14.40 -15.61
CA PRO A 125 -1.40 15.52 -15.49
C PRO A 125 -0.47 15.45 -14.30
N VAL A 126 -0.60 14.47 -13.41
CA VAL A 126 0.15 14.41 -12.15
C VAL A 126 1.50 13.76 -12.30
N THR A 127 2.53 14.34 -11.70
CA THR A 127 3.83 13.66 -11.63
C THR A 127 3.75 12.70 -10.44
N ILE A 128 3.68 11.41 -10.73
CA ILE A 128 3.59 10.41 -9.68
C ILE A 128 4.97 9.79 -9.50
N THR A 129 5.49 9.79 -8.26
CA THR A 129 6.78 9.21 -7.98
C THR A 129 6.69 8.07 -7.02
N ILE A 130 7.17 6.91 -7.46
CA ILE A 130 7.27 5.72 -6.59
CA ILE A 130 7.25 5.75 -6.61
C ILE A 130 8.58 5.87 -5.85
N VAL A 131 8.53 5.82 -4.53
CA VAL A 131 9.70 5.93 -3.69
C VAL A 131 9.89 4.63 -2.95
N ASN A 132 11.01 3.98 -3.18
CA ASN A 132 11.35 2.76 -2.48
C ASN A 132 11.97 3.05 -1.14
N ARG A 133 12.05 2.06 -0.25
CA ARG A 133 12.63 2.24 1.06
CA ARG A 133 12.63 2.24 1.07
C ARG A 133 14.13 2.53 0.96
N ASP A 134 14.78 1.97 -0.08
CA ASP A 134 16.19 2.27 -0.35
C ASP A 134 16.39 3.61 -1.08
N GLY A 135 15.33 4.41 -1.25
CA GLY A 135 15.43 5.74 -1.84
C GLY A 135 15.31 5.77 -3.34
N THR A 136 15.45 4.60 -4.02
CA THR A 136 15.36 4.61 -5.48
C THR A 136 13.97 5.01 -5.91
N ARG A 137 13.88 5.75 -7.00
CA ARG A 137 12.65 6.32 -7.47
CA ARG A 137 12.67 6.35 -7.48
C ARG A 137 12.34 6.06 -8.92
N TYR A 138 11.05 6.03 -9.23
CA TYR A 138 10.55 5.88 -10.58
C TYR A 138 9.41 6.90 -10.68
N SER A 139 9.44 7.75 -11.70
CA SER A 139 8.41 8.77 -11.87
C SER A 139 7.76 8.69 -13.23
N LYS A 140 6.48 9.03 -13.28
CA LYS A 140 5.78 9.08 -14.56
CA LYS A 140 5.67 8.94 -14.50
C LYS A 140 4.58 10.02 -14.42
N LYS A 141 4.21 10.63 -15.53
CA LYS A 141 3.09 11.54 -15.56
C LYS A 141 1.82 10.70 -15.75
N GLY A 142 0.81 10.94 -14.92
CA GLY A 142 -0.43 10.18 -15.08
C GLY A 142 -1.48 10.53 -14.07
N GLU A 143 -2.38 9.59 -13.89
CA GLU A 143 -3.46 9.69 -12.90
C GLU A 143 -3.91 8.27 -12.57
N TYR A 144 -4.46 8.07 -11.39
CA TYR A 144 -5.03 6.78 -11.01
C TYR A 144 -6.40 6.93 -10.34
N ARG A 145 -6.81 8.14 -9.93
CA ARG A 145 -8.06 8.34 -9.21
C ARG A 145 -9.24 8.39 -10.12
N THR A 146 -10.26 7.57 -9.88
CA THR A 146 -11.47 7.55 -10.71
C THR A 146 -12.66 8.24 -10.04
N HIS A 147 -12.56 8.59 -8.74
CA HIS A 147 -13.64 9.26 -7.99
C HIS A 147 -13.27 10.72 -7.79
N GLN A 148 -14.17 11.65 -8.14
CA GLN A 148 -13.91 13.09 -8.04
C GLN A 148 -13.61 13.57 -6.62
N GLU A 149 -14.31 13.03 -5.62
CA GLU A 149 -14.11 13.41 -4.22
C GLU A 149 -12.72 13.10 -3.69
N ASP A 150 -11.93 12.28 -4.41
CA ASP A 150 -10.55 11.96 -4.03
C ASP A 150 -9.53 12.88 -4.72
N ILE A 151 -9.96 13.83 -5.58
CA ILE A 151 -9.01 14.70 -6.29
C ILE A 151 -9.01 16.13 -5.75
#